data_5DDC
#
_entry.id   5DDC
#
_cell.length_a   49.445
_cell.length_b   80.253
_cell.length_c   124.456
_cell.angle_alpha   90.00
_cell.angle_beta   90.00
_cell.angle_gamma   90.00
#
_symmetry.space_group_name_H-M   'P 21 21 21'
#
loop_
_entity.id
_entity.type
_entity.pdbx_description
1 polymer Menin
2 non-polymer 6-(2,2,2-trifluoroethyl)-4-{4-[5-(trifluoromethyl)-1,3,4-thiadiazol-2-yl]piperazin-1-yl}thieno[2,3-d]pyrimidine
3 non-polymer 'DIMETHYL SULFOXIDE'
4 non-polymer 'TRIETHYLENE GLYCOL'
5 non-polymer DI(HYDROXYETHYL)ETHER
6 non-polymer '4-(2-HYDROXYETHYL)-1-PIPERAZINE ETHANESULFONIC ACID'
7 water water
#
_entity_poly.entity_id   1
_entity_poly.type   'polypeptide(L)'
_entity_poly.pdbx_seq_one_letter_code
;GGSSSMGLKAAQKTLFPLRSIDDVVRLFAAELGREEPDLVLLSLVLGFVEHFLAVNRVGLTYFPVADLSIIAALYARFTA
QIRGAVDLSLYPREGGVSSRELVKKVSDVIWNSLSRSYFKDRAHIQSLFSFITGTKLDSSGVAFAVVGACQALGLRDVHL
ALSEDHAWVVFGPNGEQTAEVTWHGKGNEDRRGQTVNAGVAERSWLYLKGSYMRCDRKMEVAFMVCAINPSIDLHTDSLE
LLQLQQKLLWLLYDLGHLERYPMALGNLADLEELEPTPGRPDPLTLYHKGIASAKTYYRDEHIYPYMYLAGYHCRNRNVR
EALQAWADTATVIQDYNYCREDEEIYKEFFEVANDVIPNLLKEAASLLEAGSQGSALQDPECFAHLLRFYDGICKWEEGS
PTPVLHVGWATFLVQSLGRFEGQVRQKVRIVSVPAPAASPPPEGPVLTFQSEKMKGMKELLVATKINSSAIKLQLTAQSQ
VQMKKQKVS
;
_entity_poly.pdbx_strand_id   A
#
loop_
_chem_comp.id
_chem_comp.type
_chem_comp.name
_chem_comp.formula
59V non-polymer 6-(2,2,2-trifluoroethyl)-4-{4-[5-(trifluoromethyl)-1,3,4-thiadiazol-2-yl]piperazin-1-yl}thieno[2,3-d]pyrimidine 'C15 H12 F6 N6 S2'
DMS non-polymer 'DIMETHYL SULFOXIDE' 'C2 H6 O S'
EPE non-polymer '4-(2-HYDROXYETHYL)-1-PIPERAZINE ETHANESULFONIC ACID' 'C8 H18 N2 O4 S'
PEG non-polymer DI(HYDROXYETHYL)ETHER 'C4 H10 O3'
PGE non-polymer 'TRIETHYLENE GLYCOL' 'C6 H14 O4'
#
# COMPACT_ATOMS: atom_id res chain seq x y z
C GLY A 7 -28.42 -16.46 1.57
N LEU A 8 -28.32 -16.43 0.28
CA LEU A 8 -28.65 -15.33 -0.66
C LEU A 8 -30.12 -15.06 -0.62
N LYS A 9 -30.46 -13.78 -0.52
CA LYS A 9 -31.82 -13.33 -0.53
C LYS A 9 -32.28 -13.15 -1.95
N ALA A 10 -33.59 -13.22 -2.16
CA ALA A 10 -34.18 -13.08 -3.50
C ALA A 10 -33.65 -11.87 -4.24
N ALA A 11 -33.52 -10.73 -3.54
CA ALA A 11 -33.08 -9.47 -4.17
C ALA A 11 -31.64 -9.50 -4.68
N GLN A 12 -30.80 -10.31 -4.05
CA GLN A 12 -29.39 -10.42 -4.45
C GLN A 12 -29.25 -11.20 -5.75
N LYS A 13 -30.29 -11.93 -6.11
CA LYS A 13 -30.18 -12.92 -7.21
C LYS A 13 -30.68 -12.38 -8.55
N THR A 14 -31.40 -11.25 -8.54
CA THR A 14 -32.13 -10.84 -9.73
C THR A 14 -31.25 -10.33 -10.88
N LEU A 15 -30.01 -9.94 -10.59
CA LEU A 15 -29.11 -9.47 -11.67
C LEU A 15 -28.41 -10.58 -12.41
N PHE A 16 -28.43 -11.78 -11.87
CA PHE A 16 -27.81 -12.89 -12.55
C PHE A 16 -28.65 -13.34 -13.75
N PRO A 17 -27.98 -13.83 -14.79
CA PRO A 17 -26.53 -14.01 -14.87
C PRO A 17 -25.77 -12.69 -15.15
N LEU A 18 -24.54 -12.58 -14.66
CA LEU A 18 -23.69 -11.43 -15.04
C LEU A 18 -22.96 -11.73 -16.32
N ARG A 19 -23.27 -10.95 -17.39
CA ARG A 19 -22.77 -11.24 -18.75
C ARG A 19 -21.69 -10.29 -19.18
N SER A 20 -21.37 -9.29 -18.35
CA SER A 20 -20.39 -8.28 -18.78
C SER A 20 -19.80 -7.60 -17.57
N ILE A 21 -18.78 -6.82 -17.85
CA ILE A 21 -18.19 -5.90 -16.87
C ILE A 21 -19.27 -5.00 -16.23
N ASP A 22 -20.10 -4.37 -17.05
CA ASP A 22 -21.14 -3.52 -16.53
C ASP A 22 -22.15 -4.23 -15.68
N ASP A 23 -22.42 -5.50 -15.98
CA ASP A 23 -23.33 -6.28 -15.14
C ASP A 23 -22.72 -6.49 -13.72
N VAL A 24 -21.41 -6.73 -13.68
CA VAL A 24 -20.71 -6.87 -12.39
C VAL A 24 -20.79 -5.54 -11.62
N VAL A 25 -20.54 -4.45 -12.33
CA VAL A 25 -20.67 -3.09 -11.70
C VAL A 25 -22.09 -2.87 -11.15
N ARG A 26 -23.10 -3.29 -11.93
CA ARG A 26 -24.49 -3.20 -11.42
C ARG A 26 -24.70 -3.98 -10.11
N LEU A 27 -24.10 -5.17 -10.01
CA LEU A 27 -24.23 -5.94 -8.83
C LEU A 27 -23.54 -5.25 -7.62
N PHE A 28 -22.38 -4.67 -7.86
CA PHE A 28 -21.73 -3.92 -6.81
C PHE A 28 -22.54 -2.73 -6.37
N ALA A 29 -23.15 -2.03 -7.34
CA ALA A 29 -23.95 -0.87 -7.00
C ALA A 29 -25.13 -1.29 -6.14
N ALA A 30 -25.77 -2.42 -6.50
CA ALA A 30 -26.91 -2.88 -5.77
C ALA A 30 -26.50 -3.26 -4.36
N GLU A 31 -25.41 -4.01 -4.23
CA GLU A 31 -24.92 -4.38 -2.89
C GLU A 31 -24.52 -3.18 -2.00
N LEU A 32 -23.91 -2.19 -2.61
CA LEU A 32 -23.46 -1.02 -1.89
C LEU A 32 -24.65 -0.17 -1.43
N GLY A 33 -25.79 -0.37 -2.08
CA GLY A 33 -27.07 0.28 -1.67
C GLY A 33 -27.79 -0.45 -0.55
N ARG A 34 -27.25 -1.58 -0.10
CA ARG A 34 -27.87 -2.35 1.00
C ARG A 34 -27.27 -1.97 2.37
N GLU A 35 -27.94 -2.35 3.46
CA GLU A 35 -27.42 -2.06 4.82
C GLU A 35 -26.03 -2.70 5.05
N GLU A 36 -25.84 -3.88 4.50
CA GLU A 36 -24.65 -4.70 4.71
C GLU A 36 -24.33 -5.34 3.35
N PRO A 37 -23.51 -4.68 2.52
CA PRO A 37 -23.07 -5.35 1.30
C PRO A 37 -22.52 -6.72 1.63
N ASP A 38 -22.80 -7.70 0.77
CA ASP A 38 -22.48 -9.07 1.09
C ASP A 38 -21.06 -9.40 0.60
N LEU A 39 -20.09 -9.36 1.54
CA LEU A 39 -18.70 -9.51 1.18
C LEU A 39 -18.45 -10.85 0.50
N VAL A 40 -19.12 -11.89 0.99
CA VAL A 40 -18.86 -13.24 0.47
C VAL A 40 -19.32 -13.37 -1.00
N LEU A 41 -20.50 -12.84 -1.28
CA LEU A 41 -21.03 -12.83 -2.64
C LEU A 41 -20.05 -12.05 -3.54
N LEU A 42 -19.65 -10.86 -3.10
CA LEU A 42 -18.89 -9.97 -4.00
C LEU A 42 -17.50 -10.54 -4.25
N SER A 43 -16.86 -11.11 -3.21
CA SER A 43 -15.53 -11.64 -3.37
C SER A 43 -15.56 -12.90 -4.28
N LEU A 44 -16.60 -13.72 -4.14
CA LEU A 44 -16.72 -14.89 -5.00
C LEU A 44 -16.90 -14.47 -6.49
N VAL A 45 -17.72 -13.44 -6.72
CA VAL A 45 -17.96 -12.97 -8.09
C VAL A 45 -16.64 -12.43 -8.66
N LEU A 46 -15.94 -11.60 -7.87
CA LEU A 46 -14.69 -11.07 -8.41
C LEU A 46 -13.70 -12.17 -8.67
N GLY A 47 -13.61 -13.11 -7.78
CA GLY A 47 -12.63 -14.21 -7.96
C GLY A 47 -12.96 -15.12 -9.13
N PHE A 48 -14.26 -15.36 -9.32
CA PHE A 48 -14.74 -16.09 -10.45
C PHE A 48 -14.33 -15.37 -11.76
N VAL A 49 -14.64 -14.09 -11.86
CA VAL A 49 -14.37 -13.39 -13.14
C VAL A 49 -12.84 -13.22 -13.34
N GLU A 50 -12.10 -13.03 -12.24
CA GLU A 50 -10.66 -12.97 -12.35
C GLU A 50 -10.08 -14.31 -12.77
N HIS A 51 -10.63 -15.44 -12.26
CA HIS A 51 -10.06 -16.71 -12.65
C HIS A 51 -10.14 -16.89 -14.18
N PHE A 52 -11.28 -16.56 -14.72
CA PHE A 52 -11.55 -16.81 -16.17
C PHE A 52 -11.10 -15.67 -17.06
N LEU A 53 -10.58 -14.57 -16.47
CA LEU A 53 -10.00 -13.51 -17.31
C LEU A 53 -8.52 -13.44 -17.17
N ALA A 54 -7.95 -13.97 -16.07
CA ALA A 54 -6.50 -13.88 -15.88
C ALA A 54 -5.80 -15.23 -15.68
N VAL A 55 -6.43 -16.17 -14.98
CA VAL A 55 -5.78 -17.45 -14.68
C VAL A 55 -5.94 -18.45 -15.80
N ASN A 56 -7.14 -18.57 -16.32
CA ASN A 56 -7.42 -19.48 -17.43
C ASN A 56 -8.38 -18.84 -18.43
N ARG A 57 -7.83 -18.28 -19.52
CA ARG A 57 -8.63 -17.63 -20.59
C ARG A 57 -8.97 -18.58 -21.74
N VAL A 58 -8.71 -19.88 -21.60
CA VAL A 58 -9.13 -20.82 -22.67
C VAL A 58 -10.61 -20.73 -22.96
N GLY A 59 -10.99 -20.46 -24.21
CA GLY A 59 -12.38 -20.44 -24.52
C GLY A 59 -13.06 -19.10 -24.42
N LEU A 60 -12.32 -18.18 -23.87
CA LEU A 60 -12.89 -16.82 -23.63
C LEU A 60 -13.30 -16.23 -24.96
N THR A 61 -14.54 -15.72 -25.08
CA THR A 61 -14.93 -14.98 -26.29
C THR A 61 -15.28 -13.52 -26.02
N TYR A 62 -15.65 -13.20 -24.77
CA TYR A 62 -15.95 -11.81 -24.42
C TYR A 62 -15.85 -11.61 -22.90
N PHE A 63 -16.69 -12.35 -22.18
CA PHE A 63 -16.69 -12.22 -20.75
C PHE A 63 -17.18 -13.51 -20.15
N PRO A 64 -16.57 -13.94 -19.03
CA PRO A 64 -17.03 -15.21 -18.42
C PRO A 64 -18.34 -15.06 -17.69
N VAL A 65 -19.43 -15.51 -18.32
CA VAL A 65 -20.75 -15.34 -17.72
C VAL A 65 -20.81 -16.01 -16.36
N ALA A 66 -21.23 -15.24 -15.37
CA ALA A 66 -21.39 -15.76 -14.01
C ALA A 66 -22.87 -16.13 -13.80
N ASP A 67 -23.17 -17.44 -13.89
CA ASP A 67 -24.53 -17.90 -13.69
C ASP A 67 -24.89 -17.96 -12.19
N LEU A 68 -26.13 -17.65 -11.84
CA LEU A 68 -26.53 -17.75 -10.45
C LEU A 68 -26.25 -19.16 -9.86
N SER A 69 -26.58 -20.24 -10.62
CA SER A 69 -26.32 -21.61 -10.11
C SER A 69 -24.88 -21.79 -9.65
N ILE A 70 -23.94 -21.29 -10.45
CA ILE A 70 -22.51 -21.44 -10.17
C ILE A 70 -22.11 -20.63 -8.94
N ILE A 71 -22.51 -19.37 -8.91
CA ILE A 71 -22.08 -18.51 -7.80
C ILE A 71 -22.77 -18.95 -6.49
N ALA A 72 -24.05 -19.29 -6.59
CA ALA A 72 -24.77 -19.75 -5.40
C ALA A 72 -24.14 -21.02 -4.84
N ALA A 73 -23.67 -21.91 -5.71
CA ALA A 73 -23.06 -23.15 -5.19
C ALA A 73 -21.77 -22.85 -4.46
N LEU A 74 -20.94 -21.94 -5.03
CA LEU A 74 -19.68 -21.49 -4.33
C LEU A 74 -20.05 -20.87 -2.96
N TYR A 75 -21.08 -20.04 -2.96
CA TYR A 75 -21.46 -19.31 -1.75
C TYR A 75 -21.89 -20.33 -0.69
N ALA A 76 -22.68 -21.32 -1.13
CA ALA A 76 -23.11 -22.41 -0.25
C ALA A 76 -21.96 -23.17 0.29
N ARG A 77 -20.89 -23.39 -0.51
CA ARG A 77 -19.74 -24.14 0.00
CA ARG A 77 -19.77 -24.13 0.03
C ARG A 77 -19.12 -23.32 1.15
N PHE A 78 -19.00 -22.03 0.94
CA PHE A 78 -18.33 -21.20 1.98
C PHE A 78 -19.18 -21.17 3.25
N THR A 79 -20.47 -20.90 3.09
CA THR A 79 -21.29 -20.76 4.32
C THR A 79 -21.42 -22.09 5.06
N ALA A 80 -21.50 -23.21 4.31
CA ALA A 80 -21.49 -24.54 4.97
C ALA A 80 -20.22 -24.78 5.78
N GLN A 81 -19.08 -24.40 5.22
CA GLN A 81 -17.80 -24.67 5.85
C GLN A 81 -17.73 -23.86 7.14
N ILE A 82 -18.19 -22.61 7.09
CA ILE A 82 -18.08 -21.73 8.27
C ILE A 82 -19.11 -22.09 9.32
N ARG A 83 -20.36 -22.24 8.91
CA ARG A 83 -21.40 -22.58 9.89
C ARG A 83 -21.21 -23.97 10.47
N GLY A 84 -20.63 -24.89 9.69
CA GLY A 84 -20.31 -26.24 10.21
C GLY A 84 -19.25 -26.22 11.31
N ALA A 85 -18.26 -25.34 11.15
CA ALA A 85 -17.07 -25.34 11.97
C ALA A 85 -17.20 -24.40 13.17
N VAL A 86 -18.05 -23.41 13.09
CA VAL A 86 -18.14 -22.43 14.20
C VAL A 86 -19.52 -22.52 14.83
N ASP A 87 -19.58 -23.14 15.99
CA ASP A 87 -20.80 -23.19 16.76
C ASP A 87 -20.97 -21.98 17.68
N LEU A 88 -21.80 -21.04 17.27
CA LEU A 88 -21.99 -19.77 17.98
C LEU A 88 -22.52 -19.90 19.38
N SER A 89 -23.11 -21.04 19.71
CA SER A 89 -23.62 -21.25 21.06
C SER A 89 -22.52 -21.36 22.08
N LEU A 90 -21.32 -21.68 21.61
CA LEU A 90 -20.18 -21.87 22.49
C LEU A 90 -19.55 -20.53 22.85
N TYR A 91 -19.96 -19.46 22.13
CA TYR A 91 -19.35 -18.12 22.25
C TYR A 91 -20.42 -17.06 22.42
N PRO A 92 -21.09 -17.05 23.59
CA PRO A 92 -22.19 -16.12 23.88
C PRO A 92 -21.81 -14.69 23.52
N ARG A 93 -22.67 -13.99 22.81
CA ARG A 93 -22.40 -12.61 22.44
C ARG A 93 -23.11 -11.59 23.31
N GLU A 94 -22.39 -10.99 24.23
CA GLU A 94 -22.89 -9.83 24.95
C GLU A 94 -22.81 -8.42 24.30
N GLY A 95 -23.80 -7.58 24.50
CA GLY A 95 -23.82 -6.28 23.83
C GLY A 95 -23.95 -6.27 22.33
N GLY A 96 -24.37 -7.35 21.74
CA GLY A 96 -24.27 -7.47 20.29
C GLY A 96 -22.82 -7.35 19.79
N VAL A 97 -21.87 -7.76 20.64
CA VAL A 97 -20.43 -7.68 20.28
C VAL A 97 -19.73 -9.04 20.42
N SER A 98 -18.69 -9.25 19.60
CA SER A 98 -18.01 -10.52 19.56
C SER A 98 -16.91 -10.63 20.57
N SER A 99 -16.52 -11.83 20.89
CA SER A 99 -15.43 -12.05 21.84
C SER A 99 -14.13 -12.35 21.14
N ARG A 100 -13.03 -12.16 21.87
CA ARG A 100 -11.72 -12.55 21.30
C ARG A 100 -11.64 -14.06 20.93
N GLU A 101 -12.29 -14.92 21.74
CA GLU A 101 -12.24 -16.37 21.49
C GLU A 101 -12.97 -16.72 20.20
N LEU A 102 -14.04 -16.02 19.93
CA LEU A 102 -14.83 -16.26 18.71
C LEU A 102 -14.05 -15.80 17.51
N VAL A 103 -13.40 -14.65 17.61
CA VAL A 103 -12.58 -14.15 16.47
C VAL A 103 -11.42 -15.09 16.18
N LYS A 104 -10.76 -15.58 17.25
CA LYS A 104 -9.67 -16.53 17.09
C LYS A 104 -10.16 -17.85 16.46
N LYS A 105 -11.36 -18.30 16.85
CA LYS A 105 -11.91 -19.54 16.30
C LYS A 105 -12.11 -19.38 14.79
N VAL A 106 -12.72 -18.27 14.39
CA VAL A 106 -12.95 -18.06 12.92
C VAL A 106 -11.58 -17.99 12.19
N SER A 107 -10.60 -17.26 12.76
CA SER A 107 -9.30 -17.22 12.17
C SER A 107 -8.68 -18.64 12.03
N ASP A 108 -8.82 -19.47 13.08
CA ASP A 108 -8.34 -20.86 13.05
C ASP A 108 -9.03 -21.68 11.95
N VAL A 109 -10.35 -21.47 11.79
CA VAL A 109 -11.12 -22.23 10.77
C VAL A 109 -10.56 -21.93 9.38
N ILE A 110 -10.32 -20.65 9.09
CA ILE A 110 -9.84 -20.26 7.79
C ILE A 110 -8.39 -20.79 7.61
N TRP A 111 -7.55 -20.53 8.62
CA TRP A 111 -6.14 -20.87 8.55
C TRP A 111 -5.90 -22.38 8.41
N ASN A 112 -6.63 -23.15 9.19
CA ASN A 112 -6.54 -24.65 9.17
C ASN A 112 -7.05 -25.27 7.87
N SER A 113 -7.81 -24.49 7.08
CA SER A 113 -8.41 -24.95 5.80
C SER A 113 -7.39 -24.90 4.66
N LEU A 114 -6.31 -24.15 4.83
CA LEU A 114 -5.45 -23.80 3.69
C LEU A 114 -4.52 -24.95 3.35
N SER A 115 -4.20 -25.09 2.06
CA SER A 115 -3.21 -26.12 1.59
C SER A 115 -1.93 -26.04 2.42
N ARG A 116 -1.37 -27.22 2.73
CA ARG A 116 -0.24 -27.31 3.65
C ARG A 116 0.93 -26.55 3.09
N SER A 117 1.08 -26.57 1.78
CA SER A 117 2.28 -26.06 1.17
C SER A 117 1.93 -25.37 -0.14
N TYR A 118 2.22 -24.07 -0.20
CA TYR A 118 2.09 -23.31 -1.45
C TYR A 118 2.82 -21.99 -1.31
N PHE A 119 3.18 -21.41 -2.45
CA PHE A 119 3.87 -20.14 -2.44
C PHE A 119 2.85 -19.03 -2.14
N LYS A 120 3.08 -18.27 -1.07
CA LYS A 120 2.11 -17.27 -0.57
C LYS A 120 2.10 -15.98 -1.34
N ASP A 121 3.14 -15.77 -2.15
CA ASP A 121 3.27 -14.51 -2.95
C ASP A 121 2.68 -14.66 -4.40
N ARG A 122 2.02 -15.80 -4.65
CA ARG A 122 1.32 -16.04 -5.93
C ARG A 122 0.20 -15.02 -6.17
N ALA A 123 -0.03 -14.73 -7.44
CA ALA A 123 -1.12 -13.87 -7.86
C ALA A 123 -2.40 -14.68 -7.84
N HIS A 124 -3.52 -13.99 -7.69
CA HIS A 124 -4.86 -14.57 -7.84
C HIS A 124 -5.18 -15.56 -6.74
N ILE A 125 -4.59 -15.38 -5.55
CA ILE A 125 -4.98 -16.14 -4.34
C ILE A 125 -5.61 -15.31 -3.21
N GLN A 126 -6.17 -14.19 -3.66
CA GLN A 126 -6.68 -13.20 -2.74
C GLN A 126 -8.18 -13.32 -2.35
N SER A 127 -8.97 -13.95 -3.23
CA SER A 127 -10.44 -13.93 -3.09
C SER A 127 -10.99 -15.19 -2.46
N LEU A 128 -12.26 -15.14 -2.07
CA LEU A 128 -12.88 -16.34 -1.58
C LEU A 128 -13.02 -17.43 -2.70
N PHE A 129 -13.00 -17.03 -3.97
CA PHE A 129 -12.99 -18.06 -5.02
C PHE A 129 -11.74 -18.93 -4.90
N SER A 130 -10.57 -18.29 -4.66
CA SER A 130 -9.33 -19.03 -4.44
C SER A 130 -9.43 -19.91 -3.20
N PHE A 131 -10.00 -19.38 -2.13
CA PHE A 131 -10.13 -20.15 -0.90
C PHE A 131 -10.93 -21.43 -1.10
N ILE A 132 -12.06 -21.30 -1.78
CA ILE A 132 -13.00 -22.45 -1.99
C ILE A 132 -12.44 -23.41 -3.03
N THR A 133 -11.97 -22.90 -4.15
CA THR A 133 -11.56 -23.82 -5.28
C THR A 133 -10.15 -24.33 -5.17
N GLY A 134 -9.28 -23.59 -4.46
CA GLY A 134 -7.85 -23.97 -4.46
C GLY A 134 -7.30 -24.13 -3.06
N THR A 135 -8.15 -23.87 -2.05
CA THR A 135 -7.68 -23.86 -0.63
C THR A 135 -6.40 -23.04 -0.42
N LYS A 136 -6.34 -21.89 -1.09
CA LYS A 136 -5.16 -21.02 -1.00
C LYS A 136 -5.62 -19.58 -0.78
N LEU A 137 -4.97 -18.93 0.17
CA LEU A 137 -5.09 -17.48 0.33
C LEU A 137 -3.74 -16.87 0.59
N ASP A 138 -3.57 -15.65 0.10
CA ASP A 138 -2.44 -14.81 0.56
C ASP A 138 -2.70 -14.20 1.92
N SER A 139 -1.68 -13.51 2.47
CA SER A 139 -1.76 -13.09 3.89
C SER A 139 -2.98 -12.22 4.15
N SER A 140 -3.12 -11.12 3.37
CA SER A 140 -4.27 -10.26 3.65
C SER A 140 -5.58 -10.93 3.23
N GLY A 141 -5.50 -11.88 2.30
CA GLY A 141 -6.70 -12.65 1.88
C GLY A 141 -7.27 -13.43 3.06
N VAL A 142 -6.39 -13.92 3.96
CA VAL A 142 -6.89 -14.66 5.18
C VAL A 142 -7.67 -13.65 6.07
N ALA A 143 -7.13 -12.43 6.25
CA ALA A 143 -7.84 -11.47 7.08
C ALA A 143 -9.18 -11.11 6.48
N PHE A 144 -9.20 -10.90 5.16
CA PHE A 144 -10.46 -10.61 4.48
C PHE A 144 -11.46 -11.78 4.66
N ALA A 145 -10.98 -13.00 4.49
CA ALA A 145 -11.84 -14.16 4.62
C ALA A 145 -12.43 -14.26 6.03
N VAL A 146 -11.62 -13.93 7.04
CA VAL A 146 -12.11 -13.91 8.42
C VAL A 146 -13.25 -12.93 8.57
N VAL A 147 -13.07 -11.72 8.01
CA VAL A 147 -14.16 -10.71 8.07
C VAL A 147 -15.42 -11.18 7.30
N GLY A 148 -15.22 -11.79 6.12
CA GLY A 148 -16.40 -12.32 5.36
C GLY A 148 -17.11 -13.44 6.12
N ALA A 149 -16.34 -14.31 6.74
CA ALA A 149 -16.91 -15.42 7.56
C ALA A 149 -17.70 -14.86 8.77
N CYS A 150 -17.12 -13.86 9.45
CA CYS A 150 -17.81 -13.19 10.56
C CYS A 150 -19.06 -12.55 10.08
N GLN A 151 -19.04 -11.88 8.93
CA GLN A 151 -20.33 -11.23 8.46
C GLN A 151 -21.34 -12.36 8.19
N ALA A 152 -20.88 -13.46 7.58
CA ALA A 152 -21.79 -14.62 7.29
C ALA A 152 -22.45 -15.15 8.56
N LEU A 153 -21.73 -15.06 9.66
CA LEU A 153 -22.18 -15.58 10.96
C LEU A 153 -22.99 -14.57 11.72
N GLY A 154 -23.21 -13.37 11.14
CA GLY A 154 -23.98 -12.33 11.82
C GLY A 154 -23.21 -11.43 12.76
N LEU A 155 -21.88 -11.47 12.68
CA LEU A 155 -21.04 -10.72 13.65
C LEU A 155 -20.68 -9.34 13.09
N ARG A 156 -21.60 -8.40 13.30
CA ARG A 156 -21.58 -7.13 12.57
C ARG A 156 -20.45 -6.24 13.06
N ASP A 157 -19.90 -6.56 14.23
CA ASP A 157 -18.85 -5.74 14.82
C ASP A 157 -17.42 -6.07 14.32
N VAL A 158 -17.23 -7.19 13.62
CA VAL A 158 -15.90 -7.59 13.19
C VAL A 158 -15.58 -6.88 11.87
N HIS A 159 -14.48 -6.11 11.87
CA HIS A 159 -14.13 -5.32 10.68
C HIS A 159 -12.68 -5.46 10.35
N LEU A 160 -12.35 -5.22 9.09
CA LEU A 160 -11.01 -5.32 8.61
C LEU A 160 -10.17 -4.09 9.03
N ALA A 161 -9.01 -4.33 9.58
CA ALA A 161 -8.06 -3.22 9.92
C ALA A 161 -6.85 -3.35 8.95
N LEU A 162 -6.38 -2.22 8.40
CA LEU A 162 -5.37 -2.29 7.34
C LEU A 162 -4.30 -1.26 7.68
N SER A 163 -3.04 -1.69 7.64
CA SER A 163 -1.93 -0.73 7.53
C SER A 163 -1.42 -0.74 6.08
N GLU A 164 -0.25 -0.13 5.80
CA GLU A 164 0.24 -0.11 4.45
C GLU A 164 0.91 -1.42 4.06
N ASP A 165 1.12 -2.30 5.04
CA ASP A 165 1.77 -3.59 4.75
C ASP A 165 1.21 -4.79 5.52
N HIS A 166 0.04 -4.63 6.14
CA HIS A 166 -0.51 -5.71 6.91
C HIS A 166 -2.01 -5.52 7.15
N ALA A 167 -2.66 -6.59 7.60
CA ALA A 167 -4.12 -6.59 7.84
C ALA A 167 -4.40 -7.40 9.07
N TRP A 168 -5.44 -6.98 9.79
CA TRP A 168 -5.97 -7.70 10.98
C TRP A 168 -7.37 -7.22 11.22
N VAL A 169 -8.03 -7.64 12.31
CA VAL A 169 -9.40 -7.17 12.53
C VAL A 169 -9.58 -6.34 13.79
N VAL A 170 -10.62 -5.54 13.79
CA VAL A 170 -11.09 -4.86 15.00
C VAL A 170 -12.45 -5.42 15.33
N PHE A 171 -12.84 -5.35 16.59
CA PHE A 171 -14.11 -5.97 17.01
C PHE A 171 -14.44 -5.51 18.40
N GLY A 172 -15.57 -5.99 18.93
CA GLY A 172 -15.82 -5.88 20.38
C GLY A 172 -16.51 -4.55 20.74
N PRO A 173 -16.58 -4.25 22.05
CA PRO A 173 -17.21 -3.04 22.54
C PRO A 173 -16.62 -1.84 21.87
N ASN A 174 -17.50 -1.04 21.25
CA ASN A 174 -17.08 0.17 20.52
C ASN A 174 -16.14 -0.10 19.38
N GLY A 175 -16.02 -1.37 18.96
CA GLY A 175 -15.01 -1.76 17.96
C GLY A 175 -13.57 -1.49 18.40
N GLU A 176 -13.35 -1.48 19.69
CA GLU A 176 -12.05 -1.00 20.20
C GLU A 176 -10.99 -2.10 20.37
N GLN A 177 -11.38 -3.39 20.26
CA GLN A 177 -10.42 -4.47 20.37
C GLN A 177 -9.73 -4.73 19.04
N THR A 178 -8.48 -5.14 19.11
CA THR A 178 -7.77 -5.60 17.86
C THR A 178 -7.38 -7.06 18.02
N ALA A 179 -7.31 -7.79 16.90
CA ALA A 179 -6.77 -9.13 16.90
C ALA A 179 -6.06 -9.42 15.61
N GLU A 180 -4.87 -9.99 15.72
CA GLU A 180 -4.21 -10.59 14.60
C GLU A 180 -4.99 -11.79 14.15
N VAL A 181 -5.13 -11.94 12.84
CA VAL A 181 -5.85 -13.14 12.28
C VAL A 181 -5.09 -13.82 11.19
N THR A 182 -3.98 -13.24 10.77
CA THR A 182 -3.15 -13.81 9.70
C THR A 182 -1.67 -13.68 10.02
N TRP A 183 -0.79 -14.13 9.10
CA TRP A 183 0.64 -13.96 9.26
C TRP A 183 1.10 -12.68 8.61
N HIS A 184 2.29 -12.24 8.98
CA HIS A 184 2.95 -11.16 8.27
C HIS A 184 4.32 -11.58 7.88
N GLY A 185 4.63 -11.33 6.62
CA GLY A 185 5.98 -11.53 6.10
C GLY A 185 6.33 -12.99 6.03
N LYS A 186 7.62 -13.28 6.04
CA LYS A 186 8.14 -14.66 5.89
C LYS A 186 9.01 -14.94 7.06
N GLY A 187 8.69 -15.99 7.80
CA GLY A 187 9.58 -16.50 8.84
C GLY A 187 9.43 -15.83 10.18
N ASN A 188 8.36 -15.04 10.35
CA ASN A 188 8.05 -14.44 11.64
C ASN A 188 7.12 -15.40 12.41
N GLU A 189 7.10 -15.36 13.76
CA GLU A 189 6.25 -16.30 14.52
C GLU A 189 4.82 -15.86 14.45
N ASP A 190 3.90 -16.84 14.32
CA ASP A 190 2.48 -16.58 14.37
C ASP A 190 2.10 -15.75 15.63
N ARG A 191 1.28 -14.72 15.47
CA ARG A 191 0.77 -13.99 16.65
C ARG A 191 -0.75 -13.86 16.61
N ARG A 192 -1.40 -14.81 15.91
CA ARG A 192 -2.82 -14.76 15.74
C ARG A 192 -3.51 -14.78 17.09
N GLY A 193 -4.54 -13.95 17.23
CA GLY A 193 -5.27 -13.90 18.49
C GLY A 193 -4.81 -12.78 19.39
N GLN A 194 -3.61 -12.27 19.15
CA GLN A 194 -3.05 -11.20 20.01
C GLN A 194 -3.49 -9.81 19.55
N THR A 195 -3.42 -8.85 20.45
CA THR A 195 -3.61 -7.44 20.00
C THR A 195 -2.44 -6.93 19.16
N VAL A 196 -2.67 -5.75 18.58
CA VAL A 196 -1.58 -5.04 17.90
C VAL A 196 -0.91 -3.94 18.78
N ASN A 197 -1.16 -3.98 20.08
CA ASN A 197 -0.64 -2.89 20.96
C ASN A 197 0.82 -2.77 21.03
N ALA A 198 1.53 -3.88 21.06
CA ALA A 198 2.99 -3.80 21.18
C ALA A 198 3.55 -3.15 19.92
N GLY A 199 2.97 -3.46 18.75
CA GLY A 199 3.49 -2.83 17.49
C GLY A 199 3.14 -1.35 17.40
N VAL A 200 1.95 -0.97 17.85
CA VAL A 200 1.61 0.46 17.91
C VAL A 200 2.57 1.19 18.90
N ALA A 201 2.74 0.61 20.08
CA ALA A 201 3.61 1.19 21.11
C ALA A 201 5.05 1.39 20.64
N GLU A 202 5.58 0.49 19.80
CA GLU A 202 6.98 0.60 19.38
C GLU A 202 7.17 1.55 18.21
N ARG A 203 6.07 2.14 17.73
CA ARG A 203 6.14 3.14 16.65
C ARG A 203 6.74 2.60 15.38
N SER A 204 6.42 1.34 15.05
CA SER A 204 6.87 0.77 13.76
C SER A 204 6.00 1.31 12.60
N TRP A 205 6.52 1.28 11.38
CA TRP A 205 5.66 1.57 10.24
C TRP A 205 4.55 0.56 10.08
N LEU A 206 4.84 -0.71 10.43
CA LEU A 206 3.86 -1.78 10.20
C LEU A 206 2.50 -1.49 10.85
N TYR A 207 2.50 -0.81 12.01
CA TYR A 207 1.24 -0.50 12.67
C TYR A 207 0.87 1.01 12.66
N LEU A 208 1.65 1.78 11.89
CA LEU A 208 1.34 3.19 11.60
C LEU A 208 1.08 4.04 12.86
N LYS A 209 1.74 3.70 13.99
CA LYS A 209 1.52 4.45 15.24
C LYS A 209 0.04 4.52 15.66
N GLY A 210 -0.72 3.52 15.21
CA GLY A 210 -2.13 3.52 15.48
C GLY A 210 -3.00 4.22 14.47
N SER A 211 -2.38 4.88 13.48
CA SER A 211 -3.14 5.58 12.46
C SER A 211 -3.45 4.67 11.24
N TYR A 212 -3.83 3.43 11.53
CA TYR A 212 -4.22 2.50 10.51
C TYR A 212 -5.69 2.65 10.18
N MET A 213 -6.12 1.97 9.12
CA MET A 213 -7.50 2.08 8.64
C MET A 213 -8.39 1.12 9.43
N ARG A 214 -9.51 1.63 9.95
CA ARG A 214 -10.54 0.76 10.54
C ARG A 214 -11.71 0.77 9.58
N CYS A 215 -11.84 -0.29 8.79
CA CYS A 215 -12.84 -0.26 7.71
C CYS A 215 -14.26 -0.41 8.24
N ASP A 216 -15.19 0.25 7.58
CA ASP A 216 -16.59 -0.18 7.66
C ASP A 216 -16.85 -1.11 6.46
N ARG A 217 -18.11 -1.59 6.31
CA ARG A 217 -18.34 -2.61 5.28
C ARG A 217 -18.05 -2.09 3.90
N LYS A 218 -18.33 -0.79 3.64
CA LYS A 218 -18.12 -0.26 2.29
C LYS A 218 -16.62 -0.16 1.96
N MET A 219 -15.81 0.15 2.96
CA MET A 219 -14.36 0.12 2.81
C MET A 219 -13.81 -1.30 2.57
N GLU A 220 -14.47 -2.29 3.19
CA GLU A 220 -14.09 -3.68 2.91
C GLU A 220 -14.43 -4.05 1.48
N VAL A 221 -15.53 -3.52 0.95
CA VAL A 221 -15.74 -3.69 -0.51
C VAL A 221 -14.63 -2.98 -1.32
N ALA A 222 -14.27 -1.76 -0.92
CA ALA A 222 -13.16 -1.09 -1.59
C ALA A 222 -11.86 -1.91 -1.56
N PHE A 223 -11.58 -2.56 -0.41
CA PHE A 223 -10.37 -3.40 -0.28
C PHE A 223 -10.40 -4.53 -1.31
N MET A 224 -11.56 -5.24 -1.45
CA MET A 224 -11.57 -6.39 -2.42
C MET A 224 -11.43 -5.90 -3.85
N VAL A 225 -11.90 -4.67 -4.10
CA VAL A 225 -11.77 -4.12 -5.44
C VAL A 225 -10.33 -3.72 -5.70
N CYS A 226 -9.64 -3.14 -4.70
CA CYS A 226 -8.22 -2.87 -4.84
C CYS A 226 -7.43 -4.15 -5.04
N ALA A 227 -7.94 -5.24 -4.46
CA ALA A 227 -7.26 -6.54 -4.50
C ALA A 227 -7.41 -7.27 -5.82
N ILE A 228 -8.32 -6.84 -6.68
CA ILE A 228 -8.35 -7.40 -8.06
C ILE A 228 -6.93 -7.33 -8.66
N ASN A 229 -6.54 -8.41 -9.29
CA ASN A 229 -5.23 -8.50 -9.95
C ASN A 229 -5.34 -8.82 -11.44
N PRO A 230 -5.26 -7.78 -12.27
CA PRO A 230 -5.42 -7.96 -13.70
C PRO A 230 -4.28 -8.69 -14.38
N SER A 231 -3.21 -9.02 -13.65
CA SER A 231 -2.01 -9.60 -14.26
CA SER A 231 -2.02 -9.58 -14.29
C SER A 231 -2.27 -10.99 -14.87
N ILE A 232 -2.01 -11.15 -16.17
CA ILE A 232 -2.06 -12.50 -16.79
C ILE A 232 -0.67 -13.15 -16.67
N ASP A 233 0.35 -12.38 -17.02
CA ASP A 233 1.74 -12.76 -16.77
C ASP A 233 2.60 -11.54 -16.65
N LEU A 234 3.92 -11.73 -16.66
CA LEU A 234 4.85 -10.60 -16.46
C LEU A 234 4.69 -9.47 -17.51
N HIS A 235 4.30 -9.83 -18.71
CA HIS A 235 4.22 -8.86 -19.81
C HIS A 235 2.80 -8.47 -20.19
N THR A 236 1.79 -9.08 -19.56
CA THR A 236 0.44 -8.95 -20.08
C THR A 236 -0.56 -8.75 -18.96
N ASP A 237 -1.41 -7.74 -19.11
CA ASP A 237 -2.55 -7.55 -18.19
C ASP A 237 -3.87 -7.82 -18.93
N SER A 238 -4.88 -8.28 -18.18
CA SER A 238 -6.25 -8.36 -18.71
C SER A 238 -6.85 -6.96 -18.80
N LEU A 239 -7.12 -6.50 -20.03
CA LEU A 239 -7.81 -5.23 -20.19
C LEU A 239 -9.19 -5.24 -19.53
N GLU A 240 -9.82 -6.43 -19.50
CA GLU A 240 -11.22 -6.57 -19.00
C GLU A 240 -11.19 -6.31 -17.49
N LEU A 241 -10.22 -6.92 -16.82
CA LEU A 241 -10.08 -6.74 -15.35
C LEU A 241 -9.64 -5.33 -15.00
N LEU A 242 -8.75 -4.74 -15.80
CA LEU A 242 -8.39 -3.35 -15.55
C LEU A 242 -9.63 -2.45 -15.69
N GLN A 243 -10.40 -2.67 -16.74
CA GLN A 243 -11.65 -1.87 -16.94
C GLN A 243 -12.63 -2.08 -15.77
N LEU A 244 -12.79 -3.34 -15.34
CA LEU A 244 -13.65 -3.62 -14.21
C LEU A 244 -13.18 -2.93 -12.92
N GLN A 245 -11.90 -3.05 -12.61
CA GLN A 245 -11.35 -2.50 -11.37
C GLN A 245 -11.53 -0.97 -11.40
N GLN A 246 -11.25 -0.37 -12.56
CA GLN A 246 -11.36 1.07 -12.71
C GLN A 246 -12.80 1.54 -12.56
N LYS A 247 -13.75 0.83 -13.19
CA LYS A 247 -15.15 1.21 -13.00
C LYS A 247 -15.68 1.03 -11.58
N LEU A 248 -15.25 -0.07 -10.91
CA LEU A 248 -15.68 -0.29 -9.52
C LEU A 248 -15.09 0.78 -8.60
N LEU A 249 -13.82 1.15 -8.84
CA LEU A 249 -13.24 2.21 -8.02
C LEU A 249 -13.99 3.55 -8.22
N TRP A 250 -14.39 3.87 -9.47
CA TRP A 250 -15.16 5.11 -9.68
C TRP A 250 -16.50 5.05 -9.00
N LEU A 251 -17.11 3.86 -9.00
CA LEU A 251 -18.38 3.68 -8.31
C LEU A 251 -18.22 3.97 -6.79
N LEU A 252 -17.20 3.35 -6.20
CA LEU A 252 -16.90 3.61 -4.81
C LEU A 252 -16.55 5.06 -4.52
N TYR A 253 -15.77 5.68 -5.39
CA TYR A 253 -15.42 7.11 -5.25
C TYR A 253 -16.68 7.97 -5.22
N ASP A 254 -17.61 7.69 -6.14
CA ASP A 254 -18.81 8.53 -6.28
C ASP A 254 -19.70 8.42 -5.08
N LEU A 255 -19.71 7.24 -4.46
CA LEU A 255 -20.51 6.99 -3.27
C LEU A 255 -19.89 7.51 -2.02
N GLY A 256 -18.64 7.97 -2.12
CA GLY A 256 -17.97 8.46 -0.91
C GLY A 256 -17.09 7.45 -0.19
N HIS A 257 -16.96 6.24 -0.71
CA HIS A 257 -16.29 5.17 0.09
C HIS A 257 -14.79 5.11 -0.10
N LEU A 258 -14.23 6.01 -0.90
CA LEU A 258 -12.77 6.11 -0.95
C LEU A 258 -12.21 7.31 -0.14
N GLU A 259 -13.11 8.08 0.49
CA GLU A 259 -12.73 9.30 1.22
CA GLU A 259 -12.69 9.31 1.19
C GLU A 259 -11.63 9.06 2.24
N ARG A 260 -11.70 7.91 2.91
CA ARG A 260 -10.76 7.55 3.98
C ARG A 260 -9.82 6.41 3.52
N TYR A 261 -9.55 6.34 2.21
CA TYR A 261 -8.78 5.21 1.70
C TYR A 261 -7.66 5.70 0.72
N PRO A 262 -6.61 6.32 1.28
CA PRO A 262 -5.52 6.86 0.45
C PRO A 262 -4.97 5.88 -0.57
N MET A 263 -4.75 4.61 -0.20
CA MET A 263 -4.18 3.70 -1.20
C MET A 263 -5.13 3.44 -2.37
N ALA A 264 -6.45 3.39 -2.10
CA ALA A 264 -7.39 3.20 -3.18
C ALA A 264 -7.36 4.37 -4.16
N LEU A 265 -7.21 5.58 -3.63
CA LEU A 265 -7.13 6.76 -4.45
C LEU A 265 -5.87 6.73 -5.31
N GLY A 266 -4.75 6.31 -4.73
CA GLY A 266 -3.51 6.16 -5.49
C GLY A 266 -3.67 5.09 -6.58
N ASN A 267 -4.34 3.97 -6.24
CA ASN A 267 -4.54 2.92 -7.22
CA ASN A 267 -4.66 2.88 -7.23
C ASN A 267 -5.43 3.41 -8.39
N LEU A 268 -6.46 4.15 -8.08
CA LEU A 268 -7.34 4.73 -9.11
C LEU A 268 -6.55 5.72 -9.97
N ALA A 269 -5.72 6.55 -9.32
CA ALA A 269 -4.88 7.54 -10.09
C ALA A 269 -3.98 6.81 -11.06
N ASP A 270 -3.34 5.71 -10.59
CA ASP A 270 -2.47 4.95 -11.43
C ASP A 270 -3.22 4.39 -12.64
N LEU A 271 -4.42 3.85 -12.41
CA LEU A 271 -5.26 3.32 -13.51
C LEU A 271 -5.63 4.43 -14.53
N GLU A 272 -5.96 5.60 -14.01
CA GLU A 272 -6.33 6.73 -14.85
C GLU A 272 -5.10 7.19 -15.63
N GLU A 273 -3.91 7.05 -15.06
CA GLU A 273 -2.71 7.39 -15.85
C GLU A 273 -2.59 6.46 -17.08
N LEU A 274 -2.92 5.19 -16.88
CA LEU A 274 -2.76 4.16 -17.91
C LEU A 274 -3.85 4.38 -18.97
N GLU A 275 -5.07 4.68 -18.52
CA GLU A 275 -6.19 4.78 -19.44
C GLU A 275 -7.22 5.77 -18.91
N PRO A 276 -7.09 7.05 -19.28
CA PRO A 276 -7.94 8.01 -18.61
C PRO A 276 -9.40 7.87 -19.01
N THR A 277 -10.28 8.06 -18.02
CA THR A 277 -11.75 8.01 -18.25
C THR A 277 -12.20 9.47 -18.58
N PRO A 278 -12.80 9.68 -19.77
CA PRO A 278 -13.28 11.03 -20.05
C PRO A 278 -14.23 11.60 -18.98
N GLY A 279 -14.04 12.87 -18.65
CA GLY A 279 -14.92 13.53 -17.71
C GLY A 279 -14.56 13.29 -16.26
N ARG A 280 -13.41 12.62 -16.02
CA ARG A 280 -12.96 12.38 -14.65
C ARG A 280 -11.71 13.22 -14.26
N PRO A 281 -11.49 13.40 -12.96
CA PRO A 281 -10.33 14.12 -12.45
C PRO A 281 -9.04 13.51 -13.01
N ASP A 282 -8.01 14.34 -13.22
CA ASP A 282 -6.69 13.93 -13.67
C ASP A 282 -6.03 13.03 -12.58
N PRO A 283 -5.08 12.21 -12.99
CA PRO A 283 -4.34 11.45 -11.97
C PRO A 283 -3.75 12.33 -10.89
N LEU A 284 -3.17 13.49 -11.23
CA LEU A 284 -2.59 14.38 -10.17
C LEU A 284 -3.61 14.81 -9.13
N THR A 285 -4.83 15.17 -9.59
CA THR A 285 -5.86 15.51 -8.69
C THR A 285 -6.15 14.37 -7.70
N LEU A 286 -6.15 13.14 -8.22
CA LEU A 286 -6.44 11.98 -7.38
C LEU A 286 -5.29 11.70 -6.42
N TYR A 287 -4.04 11.84 -6.89
CA TYR A 287 -2.89 11.63 -5.94
C TYR A 287 -2.93 12.62 -4.84
N HIS A 288 -3.28 13.87 -5.16
CA HIS A 288 -3.38 14.87 -4.13
C HIS A 288 -4.56 14.65 -3.20
N LYS A 289 -5.64 14.08 -3.72
CA LYS A 289 -6.76 13.71 -2.86
CA LYS A 289 -6.75 13.72 -2.86
C LYS A 289 -6.33 12.60 -1.89
N GLY A 290 -5.45 11.69 -2.36
CA GLY A 290 -4.99 10.57 -1.44
C GLY A 290 -4.12 11.13 -0.32
N ILE A 291 -3.23 12.09 -0.65
CA ILE A 291 -2.45 12.77 0.40
C ILE A 291 -3.40 13.57 1.36
N ALA A 292 -4.38 14.30 0.78
CA ALA A 292 -5.33 15.02 1.63
C ALA A 292 -6.10 14.10 2.59
N SER A 293 -6.45 12.91 2.10
CA SER A 293 -7.12 11.89 2.93
C SER A 293 -6.22 11.42 4.09
N ALA A 294 -4.93 11.20 3.78
CA ALA A 294 -3.96 10.76 4.78
C ALA A 294 -3.77 11.88 5.86
N LYS A 295 -3.70 13.14 5.43
CA LYS A 295 -3.62 14.26 6.37
C LYS A 295 -4.87 14.43 7.24
N THR A 296 -6.00 14.28 6.61
CA THR A 296 -7.29 14.53 7.25
C THR A 296 -7.70 13.41 8.25
N TYR A 297 -7.47 12.16 7.86
CA TYR A 297 -7.97 11.03 8.64
C TYR A 297 -6.91 10.23 9.38
N TYR A 298 -5.65 10.35 8.96
CA TYR A 298 -4.62 9.48 9.49
C TYR A 298 -3.39 10.25 9.96
N ARG A 299 -3.61 11.52 10.37
CA ARG A 299 -2.55 12.32 11.03
C ARG A 299 -1.34 12.51 10.10
N ASP A 300 -1.53 12.34 8.77
CA ASP A 300 -0.39 12.43 7.82
C ASP A 300 0.71 11.46 8.23
N GLU A 301 0.32 10.26 8.68
N GLU A 301 0.31 10.24 8.64
CA GLU A 301 1.32 9.27 9.07
CA GLU A 301 1.26 9.22 9.10
C GLU A 301 1.41 8.07 8.10
C GLU A 301 1.50 8.10 8.06
N HIS A 302 0.95 8.27 6.84
CA HIS A 302 1.07 7.26 5.80
C HIS A 302 2.21 7.61 4.84
N ILE A 303 2.94 6.60 4.41
CA ILE A 303 4.08 6.82 3.53
C ILE A 303 3.67 6.76 2.05
N TYR A 304 2.80 5.83 1.68
CA TYR A 304 2.55 5.64 0.30
C TYR A 304 1.83 6.79 -0.46
N PRO A 305 1.04 7.67 0.22
CA PRO A 305 0.38 8.74 -0.61
C PRO A 305 1.45 9.56 -1.35
N TYR A 306 2.59 9.83 -0.68
CA TYR A 306 3.65 10.60 -1.33
C TYR A 306 4.43 9.76 -2.32
N MET A 307 4.61 8.45 -2.04
CA MET A 307 5.27 7.54 -2.97
CA MET A 307 5.29 7.60 -2.99
C MET A 307 4.48 7.40 -4.27
N TYR A 308 3.13 7.36 -4.16
CA TYR A 308 2.33 7.27 -5.39
C TYR A 308 2.56 8.51 -6.24
N LEU A 309 2.50 9.67 -5.58
CA LEU A 309 2.69 10.97 -6.31
C LEU A 309 4.13 11.02 -6.90
N ALA A 310 5.11 10.62 -6.12
CA ALA A 310 6.47 10.70 -6.63
C ALA A 310 6.68 9.78 -7.87
N GLY A 311 6.08 8.59 -7.84
CA GLY A 311 6.19 7.63 -8.94
C GLY A 311 5.59 8.18 -10.22
N TYR A 312 4.48 8.83 -10.09
CA TYR A 312 3.85 9.52 -11.27
C TYR A 312 4.77 10.58 -11.87
N HIS A 313 5.34 11.44 -11.01
CA HIS A 313 6.26 12.47 -11.48
C HIS A 313 7.52 11.87 -12.08
N CYS A 314 8.04 10.81 -11.47
CA CYS A 314 9.18 10.07 -11.99
C CYS A 314 8.93 9.49 -13.38
N ARG A 315 7.76 8.89 -13.59
CA ARG A 315 7.43 8.33 -14.95
C ARG A 315 7.30 9.42 -15.96
N ASN A 316 6.86 10.58 -15.52
CA ASN A 316 6.65 11.69 -16.40
C ASN A 316 7.99 12.52 -16.52
N ARG A 317 9.03 11.99 -15.87
CA ARG A 317 10.38 12.65 -15.80
C ARG A 317 10.27 14.10 -15.33
N ASN A 318 9.30 14.35 -14.45
CA ASN A 318 9.11 15.60 -13.74
CA ASN A 318 9.24 15.61 -13.74
C ASN A 318 10.10 15.57 -12.50
N VAL A 319 11.39 15.76 -12.71
CA VAL A 319 12.41 15.55 -11.64
C VAL A 319 12.15 16.38 -10.38
N ARG A 320 11.79 17.65 -10.59
CA ARG A 320 11.63 18.66 -9.54
CA ARG A 320 11.65 18.54 -9.45
C ARG A 320 10.49 18.11 -8.55
N GLU A 321 9.35 17.77 -9.15
CA GLU A 321 8.17 17.33 -8.43
CA GLU A 321 8.21 17.36 -8.34
C GLU A 321 8.38 15.94 -7.83
N ALA A 322 9.15 15.09 -8.54
CA ALA A 322 9.43 13.72 -8.02
C ALA A 322 10.30 13.85 -6.77
N LEU A 323 11.35 14.68 -6.85
CA LEU A 323 12.21 14.86 -5.66
C LEU A 323 11.42 15.47 -4.48
N GLN A 324 10.54 16.44 -4.77
CA GLN A 324 9.79 17.05 -3.72
C GLN A 324 8.92 16.00 -3.02
N ALA A 325 8.31 15.12 -3.82
CA ALA A 325 7.40 14.14 -3.23
C ALA A 325 8.18 13.07 -2.45
N TRP A 326 9.37 12.66 -2.94
CA TRP A 326 10.22 11.74 -2.14
C TRP A 326 10.74 12.40 -0.86
N ALA A 327 11.01 13.72 -0.92
CA ALA A 327 11.40 14.45 0.29
C ALA A 327 10.22 14.47 1.26
N ASP A 328 9.01 14.58 0.72
CA ASP A 328 7.82 14.60 1.59
C ASP A 328 7.58 13.22 2.17
N THR A 329 7.94 12.19 1.42
CA THR A 329 7.82 10.83 1.96
CA THR A 329 7.83 10.81 1.90
C THR A 329 8.77 10.62 3.13
N ALA A 330 9.99 11.08 2.98
CA ALA A 330 10.96 11.04 4.08
C ALA A 330 10.58 11.85 5.32
N THR A 331 9.80 12.92 5.13
CA THR A 331 9.38 13.72 6.21
C THR A 331 8.34 12.99 7.07
N VAL A 332 7.59 12.08 6.46
CA VAL A 332 6.73 11.21 7.22
C VAL A 332 7.53 10.14 7.95
N ILE A 333 8.43 9.46 7.26
CA ILE A 333 9.11 8.29 7.88
C ILE A 333 10.01 8.70 9.03
N GLN A 334 10.40 9.96 9.07
CA GLN A 334 11.39 10.39 10.10
C GLN A 334 10.85 10.23 11.54
N ASP A 335 9.52 10.22 11.69
CA ASP A 335 8.92 10.14 13.01
C ASP A 335 8.51 8.74 13.39
N TYR A 336 9.01 7.78 12.65
CA TYR A 336 8.86 6.35 12.98
C TYR A 336 10.14 5.77 13.52
N ASN A 337 10.01 4.62 14.19
CA ASN A 337 11.18 3.82 14.52
C ASN A 337 11.24 2.67 13.56
N TYR A 338 12.44 2.37 13.06
CA TYR A 338 12.64 1.26 12.10
C TYR A 338 12.69 -0.05 12.85
N CYS A 339 11.66 -0.85 12.69
CA CYS A 339 11.48 -2.08 13.46
C CYS A 339 11.55 -3.32 12.62
N ARG A 340 11.68 -4.44 13.34
CA ARG A 340 11.62 -5.78 12.78
C ARG A 340 10.22 -5.77 12.19
N GLU A 341 10.17 -6.23 10.94
CA GLU A 341 8.97 -6.33 10.13
C GLU A 341 8.58 -5.13 9.30
N ASP A 342 9.39 -4.07 9.37
CA ASP A 342 9.21 -2.91 8.48
C ASP A 342 10.02 -3.02 7.17
N GLU A 343 10.57 -4.21 6.88
CA GLU A 343 11.56 -4.33 5.75
C GLU A 343 10.99 -3.88 4.40
N GLU A 344 9.67 -4.00 4.17
CA GLU A 344 9.17 -3.60 2.84
C GLU A 344 9.40 -2.09 2.57
N ILE A 345 9.21 -1.27 3.60
CA ILE A 345 9.42 0.19 3.38
C ILE A 345 10.87 0.59 3.34
N TYR A 346 11.73 -0.19 4.05
CA TYR A 346 13.19 -0.01 3.92
C TYR A 346 13.59 -0.32 2.47
N LYS A 347 13.09 -1.42 1.92
CA LYS A 347 13.44 -1.79 0.50
C LYS A 347 13.00 -0.70 -0.44
N GLU A 348 11.85 -0.09 -0.18
CA GLU A 348 11.38 0.96 -1.06
C GLU A 348 12.28 2.22 -0.98
N PHE A 349 12.62 2.66 0.22
CA PHE A 349 13.51 3.81 0.33
C PHE A 349 14.86 3.49 -0.27
N PHE A 350 15.35 2.26 -0.05
CA PHE A 350 16.66 1.87 -0.59
C PHE A 350 16.65 1.95 -2.14
N GLU A 351 15.58 1.44 -2.73
CA GLU A 351 15.45 1.53 -4.20
C GLU A 351 15.33 2.96 -4.73
N VAL A 352 14.61 3.82 -4.02
CA VAL A 352 14.52 5.20 -4.45
C VAL A 352 15.89 5.89 -4.38
N ALA A 353 16.59 5.70 -3.24
CA ALA A 353 17.88 6.35 -3.03
C ALA A 353 18.96 5.83 -3.95
N ASN A 354 18.93 4.53 -4.14
CA ASN A 354 20.09 3.86 -4.67
C ASN A 354 19.93 3.34 -6.10
N ASP A 355 18.76 3.54 -6.66
CA ASP A 355 18.55 3.16 -8.01
C ASP A 355 17.76 4.21 -8.76
N VAL A 356 16.60 4.56 -8.25
CA VAL A 356 15.71 5.40 -9.01
C VAL A 356 16.16 6.87 -9.13
N ILE A 357 16.52 7.46 -8.01
CA ILE A 357 17.05 8.83 -8.09
C ILE A 357 18.35 8.90 -8.96
N PRO A 358 19.30 7.98 -8.73
CA PRO A 358 20.50 7.98 -9.57
C PRO A 358 20.17 7.90 -11.06
N ASN A 359 19.21 7.06 -11.44
CA ASN A 359 18.85 6.99 -12.89
C ASN A 359 18.19 8.26 -13.39
N LEU A 360 17.31 8.85 -12.58
CA LEU A 360 16.70 10.11 -12.96
C LEU A 360 17.75 11.21 -13.15
N LEU A 361 18.67 11.33 -12.20
CA LEU A 361 19.66 12.42 -12.28
C LEU A 361 20.65 12.17 -13.40
N LYS A 362 20.92 10.88 -13.70
CA LYS A 362 21.83 10.55 -14.83
C LYS A 362 21.28 11.06 -16.14
N GLU A 363 19.98 10.79 -16.37
CA GLU A 363 19.34 11.31 -17.57
C GLU A 363 19.29 12.82 -17.54
N ALA A 364 18.97 13.37 -16.37
CA ALA A 364 18.96 14.83 -16.29
C ALA A 364 20.33 15.42 -16.63
N ALA A 365 21.40 14.74 -16.27
CA ALA A 365 22.71 15.25 -16.59
C ALA A 365 23.02 15.19 -18.08
N SER A 366 22.58 14.11 -18.73
CA SER A 366 22.70 14.01 -20.22
C SER A 366 21.94 15.10 -20.93
N LEU A 367 20.75 15.41 -20.44
CA LEU A 367 19.90 16.41 -21.08
C LEU A 367 20.44 17.81 -20.83
N LEU A 368 21.07 17.99 -19.65
CA LEU A 368 21.73 19.27 -19.38
C LEU A 368 22.89 19.50 -20.34
N GLU A 369 23.69 18.46 -20.55
CA GLU A 369 24.79 18.56 -21.52
C GLU A 369 24.28 18.95 -22.89
N ALA A 370 23.09 18.50 -23.20
CA ALA A 370 22.51 18.82 -24.48
C ALA A 370 21.75 20.15 -24.51
N GLY A 371 21.94 20.97 -23.48
CA GLY A 371 21.41 22.32 -23.47
C GLY A 371 19.96 22.44 -23.05
N SER A 372 19.55 21.52 -22.19
CA SER A 372 18.27 21.77 -21.44
CA SER A 372 18.37 21.75 -21.46
C SER A 372 18.24 22.98 -20.56
N GLN A 373 17.12 23.70 -20.54
CA GLN A 373 16.91 24.87 -19.67
C GLN A 373 15.89 24.50 -18.59
N GLY A 374 16.03 25.15 -17.43
CA GLY A 374 15.12 24.91 -16.32
C GLY A 374 15.35 23.54 -15.73
N SER A 375 16.55 22.98 -15.96
CA SER A 375 16.88 21.65 -15.45
C SER A 375 16.77 21.61 -13.93
N ALA A 376 16.24 20.50 -13.40
CA ALA A 376 16.31 20.27 -11.94
C ALA A 376 17.77 20.40 -11.41
N LEU A 377 18.77 20.04 -12.23
CA LEU A 377 20.15 20.03 -11.75
C LEU A 377 20.71 21.44 -11.59
N GLN A 378 20.01 22.43 -12.14
CA GLN A 378 20.42 23.81 -11.95
C GLN A 378 19.49 24.53 -11.01
N ASP A 379 18.54 23.79 -10.39
CA ASP A 379 17.62 24.41 -9.48
C ASP A 379 17.99 24.10 -8.02
N PRO A 380 18.43 25.10 -7.27
CA PRO A 380 18.82 24.80 -5.88
C PRO A 380 17.64 24.25 -5.00
N GLU A 381 16.40 24.56 -5.34
CA GLU A 381 15.30 23.91 -4.59
C GLU A 381 15.29 22.40 -4.79
N CYS A 382 15.72 21.91 -5.96
CA CYS A 382 15.76 20.45 -6.18
C CYS A 382 16.88 19.85 -5.36
N PHE A 383 18.02 20.56 -5.27
CA PHE A 383 19.08 20.07 -4.42
C PHE A 383 18.60 20.02 -2.96
N ALA A 384 17.84 21.04 -2.54
CA ALA A 384 17.29 21.05 -1.19
C ALA A 384 16.34 19.82 -0.99
N HIS A 385 15.52 19.47 -2.01
CA HIS A 385 14.63 18.28 -1.84
C HIS A 385 15.46 17.03 -1.66
N LEU A 386 16.54 16.90 -2.44
CA LEU A 386 17.43 15.73 -2.30
C LEU A 386 17.97 15.68 -0.86
N LEU A 387 18.45 16.79 -0.37
CA LEU A 387 18.98 16.85 1.01
C LEU A 387 17.89 16.55 2.06
N ARG A 388 16.68 17.03 1.84
CA ARG A 388 15.57 16.76 2.79
C ARG A 388 15.16 15.27 2.81
N PHE A 389 15.23 14.62 1.64
CA PHE A 389 14.98 13.20 1.53
C PHE A 389 16.01 12.44 2.39
N TYR A 390 17.33 12.77 2.25
CA TYR A 390 18.30 12.08 3.08
C TYR A 390 18.13 12.44 4.54
N ASP A 391 17.80 13.69 4.82
CA ASP A 391 17.57 14.09 6.23
C ASP A 391 16.48 13.26 6.93
N GLY A 392 15.39 12.97 6.24
CA GLY A 392 14.33 12.23 6.90
C GLY A 392 14.75 10.80 7.12
N ILE A 393 15.49 10.22 6.17
CA ILE A 393 15.98 8.86 6.33
C ILE A 393 16.96 8.78 7.54
N CYS A 394 17.83 9.78 7.66
CA CYS A 394 18.74 9.80 8.82
C CYS A 394 17.96 9.96 10.10
N LYS A 395 16.94 10.81 10.11
CA LYS A 395 16.18 11.00 11.34
C LYS A 395 15.34 9.75 11.73
N TRP A 396 14.75 9.09 10.73
CA TRP A 396 14.10 7.78 10.92
C TRP A 396 15.00 6.87 11.73
N GLU A 397 16.25 6.77 11.28
CA GLU A 397 17.24 5.88 11.90
C GLU A 397 17.50 6.24 13.40
N GLU A 398 17.41 7.52 13.76
CA GLU A 398 17.67 7.93 15.18
C GLU A 398 16.70 7.25 16.14
N GLY A 399 17.25 6.59 17.13
CA GLY A 399 16.39 5.97 18.16
C GLY A 399 15.76 4.65 17.72
N SER A 400 16.09 4.20 16.52
CA SER A 400 15.51 2.95 16.01
C SER A 400 16.25 1.77 16.57
N PRO A 401 15.54 0.64 16.74
CA PRO A 401 16.19 -0.54 17.29
C PRO A 401 17.10 -1.25 16.28
N THR A 402 16.91 -0.83 15.03
CA THR A 402 17.59 -1.49 13.89
C THR A 402 18.24 -0.41 13.04
N PRO A 403 19.54 -0.22 12.70
CA PRO A 403 20.04 0.87 11.83
C PRO A 403 19.53 0.79 10.40
N VAL A 404 19.63 1.91 9.69
CA VAL A 404 19.08 2.02 8.33
C VAL A 404 20.23 2.18 7.35
N LEU A 405 21.04 3.21 7.58
CA LEU A 405 22.14 3.53 6.66
C LEU A 405 23.35 2.62 6.80
N HIS A 406 24.05 2.47 5.70
CA HIS A 406 25.34 1.76 5.73
C HIS A 406 26.17 2.21 4.51
N VAL A 407 27.39 1.68 4.37
CA VAL A 407 28.26 2.24 3.36
C VAL A 407 27.72 2.02 1.94
N GLY A 408 26.89 0.96 1.78
CA GLY A 408 26.21 0.68 0.51
C GLY A 408 25.30 1.80 0.03
N TRP A 409 24.97 2.75 0.93
CA TRP A 409 24.21 3.97 0.59
C TRP A 409 25.11 5.14 0.31
N ALA A 410 26.33 5.09 0.82
CA ALA A 410 27.16 6.29 0.77
C ALA A 410 27.64 6.65 -0.59
N THR A 411 27.99 5.65 -1.41
CA THR A 411 28.53 5.94 -2.75
C THR A 411 27.45 6.62 -3.61
N PHE A 412 26.21 6.15 -3.48
CA PHE A 412 25.12 6.75 -4.26
C PHE A 412 24.82 8.16 -3.79
N LEU A 413 24.92 8.41 -2.47
CA LEU A 413 24.70 9.80 -1.99
C LEU A 413 25.79 10.72 -2.57
N VAL A 414 27.05 10.25 -2.57
CA VAL A 414 28.13 11.11 -3.12
C VAL A 414 27.91 11.39 -4.62
N GLN A 415 27.44 10.35 -5.33
CA GLN A 415 27.20 10.49 -6.78
C GLN A 415 26.05 11.46 -7.04
N SER A 416 24.97 11.32 -6.29
CA SER A 416 23.82 12.16 -6.47
C SER A 416 24.11 13.62 -6.13
N LEU A 417 24.78 13.84 -5.00
CA LEU A 417 25.18 15.25 -4.63
C LEU A 417 25.98 15.85 -5.76
N GLY A 418 26.89 15.05 -6.31
CA GLY A 418 27.81 15.53 -7.35
C GLY A 418 27.15 15.85 -8.67
N ARG A 419 25.92 15.38 -8.87
CA ARG A 419 25.17 15.73 -10.09
C ARG A 419 24.79 17.20 -10.15
N PHE A 420 24.86 17.88 -9.00
CA PHE A 420 24.55 19.28 -8.93
C PHE A 420 25.86 20.01 -8.85
N GLU A 421 26.08 20.96 -9.74
CA GLU A 421 27.31 21.70 -9.70
C GLU A 421 27.42 22.50 -8.37
N GLY A 422 28.66 22.78 -7.96
CA GLY A 422 28.91 23.55 -6.75
C GLY A 422 28.17 24.89 -6.70
N GLN A 423 28.09 25.62 -7.84
CA GLN A 423 27.36 26.89 -7.85
C GLN A 423 25.88 26.73 -7.57
N VAL A 424 25.32 25.59 -7.92
CA VAL A 424 23.95 25.35 -7.54
C VAL A 424 23.82 25.00 -6.06
N ARG A 425 24.70 24.13 -5.60
CA ARG A 425 24.61 23.67 -4.23
C ARG A 425 24.82 24.82 -3.24
N GLN A 426 25.69 25.77 -3.63
CA GLN A 426 26.00 26.95 -2.76
C GLN A 426 24.80 27.79 -2.49
N LYS A 427 23.78 27.71 -3.34
CA LYS A 427 22.66 28.63 -3.23
C LYS A 427 21.66 28.20 -2.16
N VAL A 428 21.75 26.94 -1.68
CA VAL A 428 20.86 26.52 -0.58
C VAL A 428 21.43 27.00 0.77
N ARG A 429 20.63 27.76 1.53
CA ARG A 429 21.05 28.15 2.86
C ARG A 429 20.51 27.14 3.87
N ILE A 430 21.42 26.57 4.60
CA ILE A 430 21.06 25.62 5.59
C ILE A 430 21.08 26.31 6.94
N VAL A 431 19.89 26.44 7.50
CA VAL A 431 19.70 27.22 8.73
C VAL A 431 19.38 26.31 9.91
N SER A 432 19.80 26.75 11.06
CA SER A 432 19.68 25.99 12.28
C SER A 432 18.49 26.41 13.09
N PRO A 445 16.60 29.78 -1.47
CA PRO A 445 16.21 28.48 -0.88
C PRO A 445 16.81 28.25 0.54
N VAL A 446 15.94 27.88 1.49
CA VAL A 446 16.36 27.63 2.87
C VAL A 446 15.93 26.24 3.30
N LEU A 447 16.76 25.59 4.07
CA LEU A 447 16.46 24.24 4.52
C LEU A 447 16.91 24.14 5.95
N THR A 448 16.14 23.41 6.78
CA THR A 448 16.56 23.09 8.15
C THR A 448 16.64 21.56 8.27
N PHE A 449 17.72 21.07 8.83
CA PHE A 449 17.86 19.62 9.03
C PHE A 449 17.33 19.20 10.39
N GLN A 450 16.67 18.06 10.40
CA GLN A 450 16.19 17.43 11.67
C GLN A 450 17.20 16.41 12.23
N SER A 451 18.01 15.82 11.35
CA SER A 451 18.88 14.69 11.76
C SER A 451 20.27 15.22 12.10
N GLU A 452 20.87 14.61 13.14
CA GLU A 452 22.26 14.95 13.47
C GLU A 452 23.24 14.59 12.35
N LYS A 453 22.98 13.49 11.62
CA LYS A 453 23.84 13.15 10.52
C LYS A 453 23.91 14.24 9.49
N MET A 454 22.76 14.78 9.06
CA MET A 454 22.86 15.81 8.04
C MET A 454 23.41 17.13 8.56
N LYS A 455 23.13 17.45 9.84
CA LYS A 455 23.71 18.66 10.38
C LYS A 455 25.23 18.60 10.30
N GLY A 456 25.79 17.46 10.55
CA GLY A 456 27.28 17.35 10.55
C GLY A 456 27.82 17.35 9.13
N MET A 457 26.95 17.06 8.17
CA MET A 457 27.37 17.00 6.79
CA MET A 457 27.27 17.00 6.74
C MET A 457 27.31 18.39 6.13
N LYS A 458 26.63 19.33 6.77
CA LYS A 458 26.37 20.62 6.15
C LYS A 458 27.63 21.25 5.54
N GLU A 459 28.70 21.25 6.35
CA GLU A 459 30.03 21.71 5.97
C GLU A 459 30.50 21.17 4.59
N LEU A 460 30.11 19.96 4.24
CA LEU A 460 30.71 19.27 3.07
C LEU A 460 29.92 19.54 1.81
N LEU A 461 28.75 20.12 1.96
CA LEU A 461 27.82 20.18 0.84
C LEU A 461 27.98 21.22 -0.25
N VAL A 462 28.93 22.17 -0.11
CA VAL A 462 29.15 23.24 -1.12
C VAL A 462 30.54 23.28 -1.81
N ALA A 463 31.41 22.37 -1.42
CA ALA A 463 32.69 22.31 -2.10
C ALA A 463 32.45 21.98 -3.54
N THR A 464 33.31 22.52 -4.41
CA THR A 464 33.21 22.24 -5.84
C THR A 464 33.40 20.77 -6.16
N LYS A 465 34.43 20.15 -5.54
CA LYS A 465 34.54 18.70 -5.53
C LYS A 465 34.24 18.21 -4.13
N ILE A 466 33.14 17.51 -3.99
CA ILE A 466 32.74 17.02 -2.71
C ILE A 466 33.77 16.04 -2.15
N ASN A 467 33.98 16.12 -0.84
CA ASN A 467 34.90 15.20 -0.16
C ASN A 467 34.18 13.86 0.10
N SER A 468 34.33 12.92 -0.81
CA SER A 468 33.63 11.65 -0.77
C SER A 468 33.93 10.88 0.51
N SER A 469 35.22 10.82 0.93
CA SER A 469 35.54 10.05 2.13
CA SER A 469 35.52 10.03 2.12
C SER A 469 34.89 10.65 3.37
N ALA A 470 34.90 11.96 3.48
CA ALA A 470 34.31 12.59 4.71
C ALA A 470 32.78 12.38 4.70
N ILE A 471 32.17 12.46 3.52
CA ILE A 471 30.72 12.19 3.40
C ILE A 471 30.39 10.81 3.87
N LYS A 472 31.15 9.83 3.39
CA LYS A 472 30.96 8.48 3.81
C LYS A 472 31.12 8.31 5.33
N LEU A 473 32.15 8.92 5.92
CA LEU A 473 32.31 8.82 7.36
C LEU A 473 31.08 9.39 8.09
N GLN A 474 30.54 10.49 7.57
CA GLN A 474 29.46 11.17 8.28
C GLN A 474 28.13 10.39 8.13
N LEU A 475 27.94 9.79 6.96
CA LEU A 475 26.67 9.08 6.73
C LEU A 475 26.61 7.76 7.52
N THR A 476 27.76 7.12 7.78
CA THR A 476 27.72 5.79 8.36
C THR A 476 28.15 5.84 9.79
N ALA A 477 28.60 7.04 10.19
CA ALA A 477 29.08 7.37 11.50
C ALA A 477 30.14 6.36 11.93
N GLN A 478 30.85 5.83 10.91
CA GLN A 478 31.96 4.90 11.07
C GLN A 478 33.13 5.65 11.68
N SER A 479 33.84 4.97 12.58
CA SER A 479 34.74 5.63 13.55
C SER A 479 36.09 5.92 12.88
N GLN A 480 36.58 4.96 12.07
CA GLN A 480 37.98 4.97 11.64
C GLN A 480 38.15 4.88 10.13
N VAL A 481 39.35 5.27 9.64
CA VAL A 481 39.80 4.96 8.23
C VAL A 481 40.84 3.78 8.17
N GLN A 482 41.23 3.33 6.96
CA GLN A 482 42.09 2.10 6.82
C GLN A 482 43.46 2.23 7.55
N MET A 483 43.90 1.16 8.20
CA MET A 483 45.11 1.19 9.04
C MET A 483 46.38 1.57 8.23
N LYS A 484 46.74 0.76 7.23
CA LYS A 484 48.01 0.99 6.51
C LYS A 484 47.85 1.98 5.34
C4 59V B . -4.20 -2.06 0.69
C5 59V B . -2.96 -2.18 0.13
C6 59V B . -2.78 -1.65 -1.11
N1 59V B . -3.83 -1.08 -1.72
N3 59V B . -5.20 -1.46 0.06
FAA 59V B . -2.13 -6.06 2.09
CBB 59V B . -2.41 -5.49 3.25
FAB 59V B . -1.80 -6.15 4.22
FAC 59V B . -3.72 -5.53 3.45
CAM 59V B . -1.96 -3.98 3.26
CAT 59V B . -2.67 -3.21 2.13
SAS 59V B . -4.24 -2.70 2.19
CAH 59V B . -2.12 -2.82 0.97
C2 59V B . -5.07 -0.91 -1.17
NBA 59V B . -1.63 -1.62 -1.84
CAL 59V B . -0.28 -1.67 -1.24
CAJ 59V B . 0.57 -0.52 -1.72
CAK 59V B . -1.69 -1.32 -3.27
CAI 59V B . -0.30 -1.34 -3.86
NAZ 59V B . 0.65 -0.55 -3.13
CAU 59V B . 1.40 0.39 -3.69
SAR 59V B . 2.21 1.61 -2.83
NAP 59V B . 1.63 0.53 -5.00
NAQ 59V B . 2.41 1.56 -5.28
CAV 59V B . 2.80 2.25 -4.19
CBC 59V B . 3.69 3.46 -4.23
FAE 59V B . 4.91 3.11 -3.83
FAF 59V B . 3.74 3.94 -5.47
FAD 59V B . 3.22 4.41 -3.42
S DMS C . -4.04 -5.22 -0.85
O DMS C . -2.78 -4.86 -1.50
C1 DMS C . -5.34 -4.52 -1.74
C2 DMS C . -4.41 -6.86 -1.19
S DMS D . -16.73 -20.15 -18.49
O DMS D . -16.86 -18.88 -19.26
C1 DMS D . -15.14 -20.68 -18.67
C2 DMS D . -16.78 -19.79 -16.83
S DMS E . -4.59 -5.75 -2.15
O DMS E . -3.58 -4.84 -2.68
C1 DMS E . -3.95 -6.48 -0.73
C2 DMS E . -5.87 -4.78 -1.52
C1 PGE F . 17.42 -3.64 -0.34
O1 PGE F . 17.03 -4.61 0.67
C2 PGE F . 18.72 -4.13 -1.02
O2 PGE F . 19.79 -4.10 -0.05
C3 PGE F . 21.04 -4.57 -0.60
C4 PGE F . 22.14 -4.58 0.49
O4 PGE F . 21.84 -5.12 4.09
C6 PGE F . 22.69 -6.21 3.62
C5 PGE F . 23.24 -5.86 2.20
O3 PGE F . 22.20 -5.89 1.20
S DMS G . -9.18 0.90 18.41
O DMS G . -8.75 2.11 17.65
C1 DMS G . -9.39 -0.33 17.22
C2 DMS G . -7.83 0.26 19.26
C1 PEG H . -17.14 12.01 -23.80
O1 PEG H . -18.44 11.47 -23.50
C2 PEG H . -17.23 13.52 -24.07
O2 PEG H . -15.89 14.06 -24.28
C3 PEG H . -15.77 15.40 -23.75
C4 PEG H . -14.44 15.54 -23.04
O4 PEG H . -13.62 16.44 -23.82
N1 EPE I . -4.42 -24.52 -17.68
C2 EPE I . -5.14 -23.78 -16.65
C3 EPE I . -4.09 -23.06 -15.77
N4 EPE I . -3.11 -22.41 -16.63
C5 EPE I . -2.40 -23.19 -17.64
C6 EPE I . -3.45 -23.85 -18.53
C7 EPE I . -2.75 -21.02 -16.40
C8 EPE I . -1.87 -20.64 -17.58
O8 EPE I . -0.50 -20.53 -17.16
C9 EPE I . -4.74 -25.92 -17.98
C10 EPE I . -5.47 -26.58 -16.79
S EPE I . -6.19 -27.96 -17.38
O1S EPE I . -6.93 -27.58 -18.62
O2S EPE I . -7.29 -28.49 -16.39
O3S EPE I . -5.17 -28.94 -17.84
#